data_8AJY
#
_entry.id   8AJY
#
_cell.length_a   40.810
_cell.length_b   120.000
_cell.length_c   65.950
_cell.angle_alpha   90.000
_cell.angle_beta   97.770
_cell.angle_gamma   90.000
#
_symmetry.space_group_name_H-M   'P 1 21 1'
#
loop_
_entity.id
_entity.type
_entity.pdbx_description
1 polymer 'Cell-wall anchoring protein'
2 polymer 'Dockerin from ScaH'
3 non-polymer 'CALCIUM ION'
4 non-polymer GLYCEROL
5 non-polymer 'SULFATE ION'
6 water water
#
loop_
_entity_poly.entity_id
_entity_poly.type
_entity_poly.pdbx_seq_one_letter_code
_entity_poly.pdbx_strand_id
1 'polypeptide(L)'
;MLTDRGMTYDLDPKDGSSAATKPVLEVTKKVFDTAADAAGQTVTVEFKVSGAEGKYATTGYHIYWDERLEVVATKTGAYA
KKGAALEDSSLAKAENNGNGVFVASGADDDFGADGVMWTVELKVPADAKAGDVYPIDVAYQWDPSKGDLFTDNKDSAQGK
LMQAYFFTQGIKSSSNPSTDEYLVKANATYADGYIAIKAGEPE
;
A,C
2 'polypeptide(L)'
;MGSSHHHHHHSSGLVPRGSHMASKPQYRLGDVDFNGIIDGRDATAVLTEYARISTGKPAEFVGNTALAADVNKDNMIDAA
DATHILTYYAISSTRDDITSDDYFALHQPLRG
;
B,D
#
loop_
_chem_comp.id
_chem_comp.type
_chem_comp.name
_chem_comp.formula
CA non-polymer 'CALCIUM ION' 'Ca 2'
GOL non-polymer GLYCEROL 'C3 H8 O3'
SO4 non-polymer 'SULFATE ION' 'O4 S -2'
#
# COMPACT_ATOMS: atom_id res chain seq x y z
N MET A 1 24.56 2.74 11.61
CA MET A 1 25.08 4.13 11.44
C MET A 1 24.10 4.94 10.59
N LEU A 2 23.71 6.13 11.07
CA LEU A 2 23.00 7.18 10.28
C LEU A 2 23.64 8.55 10.58
N THR A 3 23.63 9.50 9.64
CA THR A 3 24.03 10.90 9.96
C THR A 3 22.83 11.83 9.72
N ASP A 4 22.88 13.04 10.28
CA ASP A 4 21.81 14.07 10.13
C ASP A 4 22.08 14.94 8.87
N ARG A 5 21.47 14.60 7.74
CA ARG A 5 21.79 15.19 6.41
C ARG A 5 20.86 16.38 6.15
N GLY A 6 19.76 16.47 6.89
CA GLY A 6 18.75 17.53 6.76
C GLY A 6 19.39 18.89 6.83
N MET A 7 18.81 19.89 6.16
CA MET A 7 19.25 21.29 6.18
C MET A 7 18.15 22.18 6.75
N THR A 8 18.49 23.40 7.13
CA THR A 8 17.49 24.37 7.66
C THR A 8 16.62 24.89 6.52
N TYR A 9 15.33 24.78 6.72
CA TYR A 9 14.38 25.29 5.72
C TYR A 9 14.50 26.81 5.73
N ASP A 10 14.92 27.38 4.61
CA ASP A 10 15.35 28.78 4.59
C ASP A 10 14.77 29.56 3.41
N LEU A 11 13.71 29.09 2.76
CA LEU A 11 13.05 29.86 1.69
C LEU A 11 12.12 30.85 2.40
N ASP A 12 11.65 31.78 1.63
CA ASP A 12 10.64 32.77 2.03
C ASP A 12 9.31 32.34 1.43
N PRO A 13 8.26 32.01 2.21
CA PRO A 13 8.26 32.04 3.67
C PRO A 13 8.81 30.76 4.33
N LYS A 14 9.40 30.93 5.50
CA LYS A 14 9.92 29.77 6.24
C LYS A 14 9.05 29.48 7.46
N ASP A 15 8.16 30.41 7.83
CA ASP A 15 7.19 30.20 8.93
C ASP A 15 5.85 29.81 8.29
N GLY A 16 5.52 28.53 8.36
CA GLY A 16 4.27 27.92 7.89
C GLY A 16 3.26 27.76 9.00
N SER A 17 3.47 28.36 10.17
CA SER A 17 2.54 28.20 11.32
C SER A 17 1.14 28.69 10.94
N SER A 18 0.98 29.58 9.93
CA SER A 18 -0.37 30.04 9.50
C SER A 18 -0.84 29.41 8.16
N ALA A 19 -0.21 28.33 7.69
CA ALA A 19 -0.61 27.61 6.47
C ALA A 19 -2.07 27.15 6.59
N ALA A 20 -2.89 27.37 5.56
CA ALA A 20 -4.24 26.75 5.48
C ALA A 20 -4.12 25.21 5.54
N THR A 21 -3.08 24.65 4.92
CA THR A 21 -2.85 23.19 4.74
C THR A 21 -1.57 22.86 5.48
N LYS A 22 -1.69 21.98 6.45
CA LYS A 22 -0.59 21.59 7.38
C LYS A 22 -0.28 20.10 7.21
N PRO A 23 0.50 19.73 6.17
CA PRO A 23 0.79 18.35 5.88
C PRO A 23 1.75 17.77 6.92
N VAL A 24 1.42 16.60 7.43
CA VAL A 24 2.25 15.83 8.41
C VAL A 24 2.59 14.48 7.84
N LEU A 25 3.86 14.14 7.88
CA LEU A 25 4.35 12.85 7.33
C LEU A 25 4.72 11.95 8.51
N GLU A 26 4.08 10.79 8.56
CA GLU A 26 4.41 9.72 9.51
C GLU A 26 5.17 8.58 8.82
N VAL A 27 6.15 8.03 9.52
CA VAL A 27 7.04 6.95 9.04
C VAL A 27 6.87 5.78 9.99
N THR A 28 6.74 4.57 9.45
CA THR A 28 6.67 3.29 10.22
C THR A 28 7.68 3.25 11.37
N LYS A 29 7.16 2.83 12.53
CA LYS A 29 7.97 2.55 13.71
C LYS A 29 7.74 1.09 14.03
N LYS A 30 8.58 0.23 13.48
CA LYS A 30 8.41 -1.22 13.66
C LYS A 30 9.25 -1.70 14.86
N VAL A 31 8.62 -2.38 15.82
CA VAL A 31 9.32 -2.88 17.02
C VAL A 31 9.16 -4.40 17.12
N PHE A 32 10.29 -5.07 17.17
CA PHE A 32 10.40 -6.52 17.34
C PHE A 32 10.72 -6.80 18.81
N ASP A 33 10.18 -7.90 19.34
CA ASP A 33 10.36 -8.26 20.77
C ASP A 33 11.77 -8.79 21.02
N THR A 34 12.33 -9.60 20.11
CA THR A 34 13.65 -10.28 20.28
C THR A 34 14.51 -10.15 19.05
N ALA A 35 15.82 -10.27 19.23
CA ALA A 35 16.71 -10.22 18.05
C ALA A 35 16.33 -11.36 17.08
N ALA A 36 16.01 -12.55 17.56
CA ALA A 36 15.63 -13.74 16.76
C ALA A 36 14.40 -13.49 15.88
N ASP A 37 13.43 -12.69 16.39
CA ASP A 37 12.18 -12.28 15.65
C ASP A 37 12.48 -11.27 14.56
N ALA A 38 13.56 -10.48 14.68
CA ALA A 38 13.92 -9.36 13.80
C ALA A 38 14.89 -9.82 12.70
N ALA A 39 15.87 -10.68 13.03
CA ALA A 39 17.02 -11.06 12.16
C ALA A 39 16.52 -11.53 10.79
N GLY A 40 16.92 -10.80 9.74
CA GLY A 40 16.63 -11.26 8.37
C GLY A 40 15.21 -10.97 7.95
N GLN A 41 14.43 -10.24 8.75
CA GLN A 41 13.04 -9.82 8.36
C GLN A 41 13.11 -8.66 7.36
N THR A 42 12.23 -8.70 6.35
CA THR A 42 12.00 -7.52 5.47
C THR A 42 10.76 -6.81 5.99
N VAL A 43 10.93 -5.55 6.34
CA VAL A 43 9.83 -4.67 6.81
C VAL A 43 9.43 -3.70 5.70
N THR A 44 8.14 -3.61 5.39
CA THR A 44 7.58 -2.50 4.56
C THR A 44 7.47 -1.21 5.38
N VAL A 45 8.32 -0.25 5.09
CA VAL A 45 8.31 1.09 5.72
C VAL A 45 7.46 2.04 4.88
N GLU A 46 6.38 2.54 5.47
CA GLU A 46 5.44 3.46 4.79
C GLU A 46 5.78 4.88 5.17
N PHE A 47 5.62 5.80 4.21
CA PHE A 47 5.74 7.24 4.38
C PHE A 47 4.35 7.81 4.09
N LYS A 48 3.62 8.17 5.14
CA LYS A 48 2.15 8.38 5.11
C LYS A 48 1.86 9.86 5.41
N VAL A 49 1.22 10.56 4.49
CA VAL A 49 0.90 11.99 4.69
C VAL A 49 -0.56 12.12 5.19
N SER A 50 -0.80 13.05 6.11
CA SER A 50 -2.15 13.44 6.54
C SER A 50 -2.33 14.98 6.50
N GLY A 51 -3.57 15.41 6.34
CA GLY A 51 -4.04 16.81 6.40
C GLY A 51 -3.86 17.54 5.10
N ALA A 52 -3.59 16.86 4.01
CA ALA A 52 -3.37 17.59 2.74
C ALA A 52 -4.14 17.01 1.57
N GLU A 53 -5.27 16.37 1.82
CA GLU A 53 -6.14 15.77 0.78
C GLU A 53 -6.53 16.84 -0.27
N GLY A 54 -6.14 16.65 -1.52
CA GLY A 54 -6.57 17.57 -2.59
C GLY A 54 -5.90 18.94 -2.53
N LYS A 55 -4.81 19.08 -1.77
CA LYS A 55 -4.13 20.37 -1.53
C LYS A 55 -2.73 20.48 -2.14
N TYR A 56 -2.19 19.41 -2.73
CA TYR A 56 -0.79 19.37 -3.20
C TYR A 56 -0.78 18.71 -4.59
N ALA A 57 0.29 18.97 -5.28
CA ALA A 57 0.56 18.45 -6.64
C ALA A 57 2.02 18.02 -6.79
N THR A 58 2.95 18.75 -6.18
CA THR A 58 4.37 18.65 -6.54
C THR A 58 5.18 18.38 -5.28
N THR A 59 5.83 17.23 -5.23
CA THR A 59 6.61 16.82 -4.02
C THR A 59 8.02 16.35 -4.39
N GLY A 60 8.91 16.44 -3.44
CA GLY A 60 10.27 15.91 -3.58
C GLY A 60 10.99 16.07 -2.27
N TYR A 61 11.34 14.93 -1.70
CA TYR A 61 12.02 14.94 -0.41
C TYR A 61 12.97 13.76 -0.33
N HIS A 62 13.90 13.82 0.61
CA HIS A 62 14.96 12.79 0.80
C HIS A 62 14.55 11.86 1.93
N ILE A 63 14.86 10.59 1.69
CA ILE A 63 14.75 9.51 2.69
C ILE A 63 16.12 8.89 2.89
N TYR A 64 16.52 8.68 4.14
CA TYR A 64 17.75 7.94 4.48
C TYR A 64 17.44 6.88 5.54
N TRP A 65 18.20 5.81 5.56
CA TRP A 65 18.07 4.78 6.63
C TRP A 65 19.43 4.36 7.16
N ASP A 66 19.42 3.81 8.36
CA ASP A 66 20.61 3.24 8.99
C ASP A 66 21.33 2.30 7.99
N GLU A 67 22.65 2.46 7.87
CA GLU A 67 23.49 1.75 6.88
C GLU A 67 23.49 0.23 7.04
N ARG A 68 23.14 -0.26 8.23
CA ARG A 68 23.11 -1.70 8.55
C ARG A 68 21.90 -2.37 7.87
N LEU A 69 20.85 -1.62 7.59
CA LEU A 69 19.66 -2.11 6.86
C LEU A 69 20.01 -2.32 5.39
N GLU A 70 19.39 -3.34 4.80
CA GLU A 70 19.61 -3.74 3.40
C GLU A 70 18.32 -3.39 2.69
N VAL A 71 18.37 -2.52 1.70
CA VAL A 71 17.13 -2.18 0.98
C VAL A 71 16.85 -3.33 -0.01
N VAL A 72 15.58 -3.67 -0.15
CA VAL A 72 15.14 -4.67 -1.14
C VAL A 72 14.50 -3.91 -2.29
N ALA A 73 15.19 -3.79 -3.42
CA ALA A 73 14.77 -2.97 -4.58
C ALA A 73 13.50 -3.52 -5.23
N THR A 74 12.69 -2.66 -5.83
CA THR A 74 11.58 -3.09 -6.73
C THR A 74 12.17 -3.85 -7.92
N LYS A 75 11.29 -4.43 -8.75
CA LYS A 75 11.67 -5.20 -9.96
C LYS A 75 12.42 -4.28 -10.93
N THR A 76 12.19 -2.96 -10.92
CA THR A 76 12.89 -1.97 -11.82
C THR A 76 14.25 -1.54 -11.20
N GLY A 77 14.55 -1.94 -9.95
CA GLY A 77 15.76 -1.50 -9.23
C GLY A 77 15.53 -0.33 -8.30
N ALA A 78 14.33 0.31 -8.33
CA ALA A 78 14.05 1.51 -7.51
C ALA A 78 14.04 1.09 -6.03
N TYR A 79 14.57 1.91 -5.17
CA TYR A 79 14.50 1.62 -3.72
C TYR A 79 13.15 1.98 -3.10
N ALA A 80 12.30 2.82 -3.70
CA ALA A 80 10.95 3.15 -3.19
C ALA A 80 9.90 2.89 -4.27
N LYS A 81 8.70 2.53 -3.85
CA LYS A 81 7.52 2.23 -4.67
C LYS A 81 6.39 3.19 -4.27
N LYS A 82 5.73 3.79 -5.23
CA LYS A 82 4.66 4.76 -4.91
C LYS A 82 3.49 4.00 -4.25
N GLY A 83 2.75 4.74 -3.42
CA GLY A 83 1.56 4.27 -2.69
C GLY A 83 0.29 5.01 -3.10
N ALA A 84 -0.79 4.71 -2.42
CA ALA A 84 -2.16 5.13 -2.75
C ALA A 84 -2.31 6.67 -2.74
N ALA A 85 -1.51 7.41 -1.93
CA ALA A 85 -1.64 8.90 -1.81
C ALA A 85 -1.26 9.48 -3.17
N LEU A 86 -0.42 8.74 -3.92
CA LEU A 86 0.11 9.21 -5.23
C LEU A 86 -0.61 8.57 -6.44
N GLU A 87 -1.69 7.81 -6.23
CA GLU A 87 -2.36 7.05 -7.33
C GLU A 87 -2.96 8.00 -8.38
N ASP A 88 -3.38 9.21 -7.99
CA ASP A 88 -3.96 10.22 -8.88
C ASP A 88 -2.88 11.20 -9.39
N SER A 89 -1.62 10.96 -9.05
CA SER A 89 -0.44 11.74 -9.51
C SER A 89 0.25 10.99 -10.66
N SER A 90 0.14 11.53 -11.87
CA SER A 90 0.65 10.86 -13.08
C SER A 90 2.16 10.75 -13.09
N LEU A 91 2.86 11.64 -12.43
CA LEU A 91 4.35 11.69 -12.36
C LEU A 91 4.77 11.21 -10.97
N ALA A 92 5.59 10.18 -10.92
CA ALA A 92 6.12 9.64 -9.63
C ALA A 92 7.46 9.03 -9.98
N LYS A 93 8.51 9.48 -9.30
CA LYS A 93 9.86 8.94 -9.55
C LYS A 93 10.68 8.80 -8.27
N ALA A 94 11.31 7.65 -8.08
CA ALA A 94 12.30 7.38 -7.01
C ALA A 94 13.69 7.23 -7.63
N GLU A 95 14.69 7.97 -7.14
CA GLU A 95 16.11 7.80 -7.53
C GLU A 95 16.91 7.37 -6.30
N ASN A 96 17.74 6.35 -6.47
CA ASN A 96 18.49 5.73 -5.35
C ASN A 96 19.57 6.73 -4.91
N ASN A 97 19.92 6.69 -3.62
CA ASN A 97 20.86 7.66 -3.05
C ASN A 97 21.64 7.03 -1.90
N GLY A 98 22.39 5.97 -2.19
CA GLY A 98 23.22 5.26 -1.20
C GLY A 98 22.31 4.56 -0.24
N ASN A 99 22.46 4.83 1.05
CA ASN A 99 21.57 4.29 2.12
C ASN A 99 20.39 5.25 2.20
N GLY A 100 19.66 5.39 1.07
CA GLY A 100 18.56 6.34 0.97
C GLY A 100 18.02 6.41 -0.43
N VAL A 101 17.06 7.30 -0.62
CA VAL A 101 16.34 7.43 -1.91
C VAL A 101 15.74 8.83 -1.92
N PHE A 102 15.58 9.37 -3.10
CA PHE A 102 14.87 10.64 -3.34
C PHE A 102 13.54 10.30 -4.01
N VAL A 103 12.46 10.81 -3.48
CA VAL A 103 11.11 10.45 -4.01
C VAL A 103 10.42 11.74 -4.45
N ALA A 104 9.89 11.72 -5.66
CA ALA A 104 9.30 12.96 -6.20
C ALA A 104 7.97 12.66 -6.90
N SER A 105 7.07 13.66 -7.01
CA SER A 105 5.76 13.45 -7.68
C SER A 105 5.36 14.77 -8.35
N GLY A 106 4.45 14.65 -9.29
CA GLY A 106 3.89 15.74 -10.11
C GLY A 106 2.47 15.38 -10.55
N ALA A 107 1.61 16.35 -10.71
CA ALA A 107 0.20 16.10 -11.10
C ALA A 107 -0.34 17.28 -11.89
N ASP A 108 -1.38 17.06 -12.69
CA ASP A 108 -1.83 18.12 -13.64
C ASP A 108 -2.91 18.98 -12.94
N ASP A 109 -3.13 18.74 -11.65
CA ASP A 109 -4.05 19.52 -10.77
C ASP A 109 -3.67 19.13 -9.34
N ASP A 110 -4.39 19.64 -8.34
CA ASP A 110 -4.08 19.30 -6.92
C ASP A 110 -4.69 17.95 -6.55
N PHE A 111 -4.12 16.87 -7.11
CA PHE A 111 -4.60 15.49 -7.03
C PHE A 111 -3.90 14.71 -5.92
N GLY A 112 -2.89 15.31 -5.26
CA GLY A 112 -2.22 14.74 -4.10
C GLY A 112 -3.25 14.30 -3.06
N ALA A 113 -3.10 13.11 -2.45
CA ALA A 113 -4.13 12.60 -1.54
C ALA A 113 -3.45 12.33 -0.20
N ASP A 114 -4.26 12.11 0.82
CA ASP A 114 -3.73 11.61 2.11
C ASP A 114 -3.43 10.12 1.91
N GLY A 115 -2.55 9.60 2.74
CA GLY A 115 -2.22 8.17 2.80
C GLY A 115 -0.78 7.90 2.45
N VAL A 116 -0.48 6.65 2.12
CA VAL A 116 0.91 6.21 1.83
C VAL A 116 1.37 6.82 0.51
N MET A 117 2.34 7.71 0.57
CA MET A 117 3.00 8.29 -0.64
C MET A 117 3.98 7.27 -1.26
N TRP A 118 4.80 6.62 -0.44
CA TRP A 118 5.94 5.75 -0.81
C TRP A 118 6.07 4.63 0.22
N THR A 119 6.63 3.53 -0.24
CA THR A 119 7.10 2.43 0.64
C THR A 119 8.54 2.04 0.33
N VAL A 120 9.27 1.53 1.34
CA VAL A 120 10.65 1.08 1.16
C VAL A 120 10.73 -0.23 1.88
N GLU A 121 11.19 -1.26 1.20
CA GLU A 121 11.43 -2.57 1.88
C GLU A 121 12.83 -2.53 2.51
N LEU A 122 12.95 -2.75 3.86
CA LEU A 122 14.27 -2.66 4.51
C LEU A 122 14.43 -3.94 5.32
N LYS A 123 15.54 -4.62 5.10
CA LYS A 123 15.80 -5.96 5.68
C LYS A 123 16.73 -5.78 6.88
N VAL A 124 16.39 -6.44 7.98
CA VAL A 124 17.16 -6.36 9.26
C VAL A 124 18.32 -7.34 9.15
N PRO A 125 19.55 -6.92 9.54
CA PRO A 125 20.72 -7.75 9.36
C PRO A 125 20.67 -9.02 10.19
N ALA A 126 21.34 -10.06 9.73
CA ALA A 126 21.40 -11.38 10.42
C ALA A 126 21.98 -11.26 11.85
N ASP A 127 22.87 -10.31 12.10
CA ASP A 127 23.56 -10.13 13.42
C ASP A 127 22.87 -9.00 14.24
N ALA A 128 21.57 -8.72 14.01
CA ALA A 128 20.76 -7.79 14.83
C ALA A 128 20.82 -8.20 16.30
N LYS A 129 20.78 -7.25 17.22
CA LYS A 129 20.89 -7.55 18.68
C LYS A 129 19.72 -6.90 19.41
N ALA A 130 19.36 -7.43 20.57
CA ALA A 130 18.38 -6.79 21.47
C ALA A 130 18.89 -5.41 21.83
N GLY A 131 18.04 -4.33 21.57
CA GLY A 131 18.43 -2.96 21.94
C GLY A 131 18.66 -2.11 20.69
N ASP A 132 18.94 -2.73 19.54
CA ASP A 132 19.27 -2.04 18.27
C ASP A 132 18.08 -1.20 17.89
N VAL A 133 18.37 -0.02 17.35
CA VAL A 133 17.42 0.91 16.72
C VAL A 133 18.03 1.28 15.39
N TYR A 134 17.29 0.93 14.35
CA TYR A 134 17.70 1.29 12.97
C TYR A 134 16.88 2.48 12.49
N PRO A 135 17.34 3.72 12.67
CA PRO A 135 16.46 4.84 12.40
C PRO A 135 16.25 5.08 10.89
N ILE A 136 15.13 5.77 10.58
CA ILE A 136 14.68 6.09 9.19
C ILE A 136 14.32 7.58 9.17
N ASP A 137 14.94 8.31 8.24
CA ASP A 137 14.97 9.78 8.28
C ASP A 137 14.31 10.36 7.03
N VAL A 138 13.39 11.27 7.26
CA VAL A 138 12.93 12.10 6.15
C VAL A 138 13.59 13.45 6.32
N ALA A 139 14.17 14.02 5.23
CA ALA A 139 15.06 15.18 5.43
C ALA A 139 14.78 16.14 4.28
N TYR A 140 14.86 17.43 4.60
CA TYR A 140 14.93 18.54 3.63
C TYR A 140 16.37 18.74 3.18
N GLN A 141 16.56 18.93 1.84
CA GLN A 141 17.84 19.37 1.28
C GLN A 141 17.55 20.51 0.28
N TRP A 142 18.53 21.39 0.15
CA TRP A 142 18.53 22.53 -0.80
C TRP A 142 19.94 22.77 -1.28
N ASP A 143 20.08 23.21 -2.50
CA ASP A 143 21.35 23.81 -2.94
C ASP A 143 20.94 24.89 -3.91
N PRO A 144 21.84 25.77 -4.36
CA PRO A 144 21.42 26.86 -5.24
C PRO A 144 20.72 26.47 -6.57
N SER A 145 20.91 25.24 -7.01
CA SER A 145 20.37 24.71 -8.29
C SER A 145 18.95 24.15 -8.09
N LYS A 146 18.66 23.54 -6.95
CA LYS A 146 17.30 23.05 -6.71
C LYS A 146 17.15 22.66 -5.25
N GLY A 147 15.92 22.50 -4.87
CA GLY A 147 15.57 22.11 -3.49
C GLY A 147 14.36 21.20 -3.44
N ASP A 148 14.15 20.62 -2.27
CA ASP A 148 12.97 19.78 -2.01
C ASP A 148 11.68 20.59 -1.98
N LEU A 149 10.57 19.87 -2.23
CA LEU A 149 9.27 20.50 -2.58
C LEU A 149 8.13 19.80 -1.86
N PHE A 150 7.13 20.56 -1.47
CA PHE A 150 5.79 20.05 -1.13
C PHE A 150 4.81 21.20 -1.35
N THR A 151 4.40 21.40 -2.61
CA THR A 151 3.59 22.56 -3.03
C THR A 151 2.35 22.14 -3.85
N ASP A 152 1.55 23.13 -4.21
CA ASP A 152 0.32 22.88 -4.99
C ASP A 152 0.67 23.04 -6.49
N ASN A 153 -0.29 22.80 -7.32
CA ASN A 153 -0.09 22.82 -8.78
C ASN A 153 0.40 24.19 -9.25
N LYS A 154 -0.16 25.30 -8.73
CA LYS A 154 0.19 26.65 -9.26
C LYS A 154 1.46 27.14 -8.54
N ASP A 155 1.91 26.40 -7.53
CA ASP A 155 2.96 26.85 -6.58
C ASP A 155 2.53 28.23 -6.03
N SER A 156 1.37 28.29 -5.40
CA SER A 156 0.70 29.52 -4.92
C SER A 156 1.34 30.03 -3.63
N ALA A 157 0.92 31.19 -3.15
CA ALA A 157 1.32 31.65 -1.79
C ALA A 157 0.94 30.56 -0.78
N GLN A 158 -0.29 30.02 -0.88
CA GLN A 158 -0.68 28.98 0.09
C GLN A 158 0.18 27.75 -0.18
N GLY A 159 0.54 27.42 -1.43
CA GLY A 159 1.37 26.22 -1.58
C GLY A 159 2.75 26.40 -0.93
N LYS A 160 3.32 27.62 -1.04
CA LYS A 160 4.62 27.86 -0.39
C LYS A 160 4.50 27.84 1.15
N LEU A 161 3.37 28.30 1.69
CA LEU A 161 3.16 28.23 3.16
C LEU A 161 3.06 26.77 3.59
N MET A 162 2.28 25.99 2.83
CA MET A 162 2.12 24.54 3.07
C MET A 162 3.50 23.87 3.00
N GLN A 163 4.35 24.22 2.03
CA GLN A 163 5.72 23.61 1.94
C GLN A 163 6.52 23.90 3.22
N ALA A 164 6.43 25.16 3.66
CA ALA A 164 7.17 25.67 4.85
C ALA A 164 6.70 24.81 6.04
N TYR A 165 5.40 24.56 6.15
CA TYR A 165 4.88 23.72 7.26
C TYR A 165 5.43 22.29 7.17
N PHE A 166 5.29 21.69 5.99
CA PHE A 166 5.72 20.30 5.72
C PHE A 166 7.16 20.12 6.21
N PHE A 167 8.07 21.01 5.83
CA PHE A 167 9.49 20.77 6.14
C PHE A 167 9.83 21.17 7.59
N THR A 168 9.15 22.14 8.19
CA THR A 168 9.55 22.69 9.51
C THR A 168 8.78 22.02 10.66
N GLN A 169 7.59 21.48 10.39
CA GLN A 169 6.64 21.02 11.44
C GLN A 169 6.06 19.68 11.04
N GLY A 170 5.97 19.37 9.74
CA GLY A 170 5.34 18.15 9.21
C GLY A 170 6.22 16.92 9.34
N ILE A 171 7.54 17.10 9.48
CA ILE A 171 8.55 16.02 9.60
C ILE A 171 9.49 16.39 10.75
N LYS A 172 10.13 15.38 11.36
CA LYS A 172 11.14 15.62 12.40
C LYS A 172 12.41 16.07 11.74
N SER A 173 13.23 16.79 12.51
CA SER A 173 14.53 17.33 12.07
C SER A 173 15.25 17.79 13.33
N SER A 174 16.48 18.23 13.19
CA SER A 174 17.22 18.81 14.33
C SER A 174 16.47 20.05 14.84
N SER A 175 15.71 20.79 14.01
CA SER A 175 14.93 21.94 14.58
C SER A 175 13.53 21.54 15.12
N ASN A 176 12.97 20.42 14.69
CA ASN A 176 11.75 19.82 15.25
C ASN A 176 12.04 18.36 15.65
N PRO A 177 12.73 18.08 16.77
CA PRO A 177 13.15 16.71 17.06
C PRO A 177 12.01 15.82 17.57
N SER A 178 12.09 14.56 17.20
CA SER A 178 11.34 13.43 17.81
C SER A 178 11.59 13.42 19.31
N THR A 179 10.59 13.03 20.08
CA THR A 179 10.77 12.66 21.51
C THR A 179 10.58 11.15 21.69
N ASP A 180 10.45 10.40 20.60
CA ASP A 180 10.26 8.94 20.70
C ASP A 180 11.49 8.34 21.40
N GLU A 181 11.28 7.48 22.41
CA GLU A 181 12.37 6.97 23.26
C GLU A 181 13.40 6.19 22.42
N TYR A 182 12.96 5.41 21.44
CA TYR A 182 13.88 4.64 20.55
C TYR A 182 14.84 5.59 19.81
N LEU A 183 14.33 6.72 19.29
CA LEU A 183 15.22 7.64 18.55
C LEU A 183 16.10 8.39 19.55
N VAL A 184 15.59 8.72 20.73
CA VAL A 184 16.45 9.36 21.75
C VAL A 184 17.61 8.39 22.05
N LYS A 185 17.31 7.11 22.26
CA LYS A 185 18.35 6.10 22.62
C LYS A 185 19.30 5.99 21.41
N ALA A 186 18.79 6.10 20.19
CA ALA A 186 19.60 5.99 18.95
C ALA A 186 20.45 7.25 18.73
N ASN A 187 20.26 8.33 19.52
CA ASN A 187 20.82 9.68 19.26
C ASN A 187 20.49 10.09 17.83
N ALA A 188 19.25 9.82 17.41
CA ALA A 188 18.81 10.23 16.09
C ALA A 188 17.43 10.88 16.17
N THR A 189 17.26 11.92 17.01
CA THR A 189 15.97 12.61 17.21
C THR A 189 15.65 13.48 15.96
N TYR A 190 16.59 13.64 15.03
CA TYR A 190 16.29 14.28 13.71
C TYR A 190 15.49 13.32 12.83
N ALA A 191 15.57 12.01 13.05
CA ALA A 191 14.87 11.00 12.22
C ALA A 191 13.37 10.93 12.54
N ASP A 192 12.64 10.05 11.85
CA ASP A 192 11.17 10.09 11.69
C ASP A 192 10.49 8.75 12.06
N GLY A 193 11.11 7.62 11.70
CA GLY A 193 10.71 6.27 12.10
C GLY A 193 11.89 5.38 12.35
N TYR A 194 11.63 4.10 12.33
CA TYR A 194 12.67 3.10 12.71
C TYR A 194 12.14 1.72 12.59
N ILE A 195 13.11 0.80 12.50
CA ILE A 195 12.97 -0.61 12.93
C ILE A 195 13.77 -0.74 14.23
N ALA A 196 13.11 -1.15 15.30
CA ALA A 196 13.75 -1.34 16.61
C ALA A 196 13.57 -2.77 17.13
N ILE A 197 14.48 -3.10 17.97
CA ILE A 197 14.37 -4.36 18.74
C ILE A 197 14.37 -4.03 20.23
N LYS A 198 13.41 -4.55 21.00
CA LYS A 198 13.32 -4.25 22.45
C LYS A 198 14.61 -4.69 23.17
N ALA A 199 15.11 -3.88 24.10
CA ALA A 199 16.27 -4.21 24.96
C ALA A 199 15.87 -5.20 26.05
N GLY A 200 14.65 -5.07 26.58
CA GLY A 200 14.17 -6.02 27.57
C GLY A 200 15.20 -6.18 28.67
N GLU A 201 15.63 -5.04 29.22
CA GLU A 201 16.36 -5.01 30.52
C GLU A 201 15.39 -4.46 31.57
N PRO A 202 15.34 -5.06 32.77
CA PRO A 202 14.61 -4.50 33.91
C PRO A 202 14.82 -2.99 34.11
N TYR B 27 16.21 31.10 -23.50
CA TYR B 27 15.61 30.15 -22.53
C TYR B 27 16.63 29.10 -22.09
N ARG B 28 16.41 28.48 -20.91
CA ARG B 28 17.08 27.25 -20.42
C ARG B 28 16.18 26.01 -20.58
N LEU B 29 16.63 24.97 -21.28
CA LEU B 29 15.75 23.79 -21.55
C LEU B 29 15.34 23.18 -20.21
N GLY B 30 14.06 22.82 -20.02
CA GLY B 30 13.60 22.21 -18.78
C GLY B 30 13.09 23.29 -17.84
N ASP B 31 13.45 24.59 -18.01
CA ASP B 31 13.07 25.62 -16.99
C ASP B 31 11.88 26.42 -17.52
N VAL B 32 10.70 25.80 -17.49
CA VAL B 32 9.51 26.40 -18.18
C VAL B 32 8.90 27.58 -17.39
N ASP B 33 9.27 27.76 -16.15
CA ASP B 33 8.77 28.86 -15.28
C ASP B 33 9.90 29.89 -15.17
N PHE B 34 11.03 29.64 -15.84
CA PHE B 34 12.09 30.65 -15.99
C PHE B 34 12.60 31.21 -14.64
N ASN B 35 12.74 30.34 -13.65
CA ASN B 35 13.22 30.79 -12.33
C ASN B 35 14.64 30.27 -12.06
N GLY B 36 15.33 29.75 -13.08
CA GLY B 36 16.77 29.45 -13.01
C GLY B 36 17.03 28.08 -12.41
N ILE B 37 15.97 27.32 -12.14
CA ILE B 37 16.01 26.01 -11.42
C ILE B 37 15.28 25.00 -12.29
N ILE B 38 15.78 23.79 -12.47
CA ILE B 38 14.94 22.69 -13.03
C ILE B 38 14.52 21.80 -11.89
N ASP B 39 13.22 21.61 -11.63
CA ASP B 39 12.72 20.90 -10.47
C ASP B 39 11.34 20.33 -10.80
N GLY B 40 10.70 19.71 -9.80
CA GLY B 40 9.36 19.11 -9.97
C GLY B 40 8.32 20.12 -10.42
N ARG B 41 8.45 21.43 -10.11
CA ARG B 41 7.47 22.47 -10.51
C ARG B 41 7.48 22.63 -12.05
N ASP B 42 8.66 22.53 -12.67
CA ASP B 42 8.77 22.50 -14.16
C ASP B 42 8.02 21.28 -14.68
N ALA B 43 8.25 20.11 -14.06
CA ALA B 43 7.59 18.91 -14.57
C ALA B 43 6.08 18.97 -14.44
N THR B 44 5.57 19.42 -13.31
CA THR B 44 4.14 19.55 -13.07
C THR B 44 3.57 20.59 -14.05
N ALA B 45 4.32 21.65 -14.33
CA ALA B 45 3.84 22.68 -15.28
C ALA B 45 3.67 22.10 -16.70
N VAL B 46 4.64 21.35 -17.18
CA VAL B 46 4.57 20.72 -18.53
C VAL B 46 3.39 19.75 -18.49
N LEU B 47 3.30 18.93 -17.45
CA LEU B 47 2.16 17.98 -17.42
C LEU B 47 0.82 18.71 -17.47
N THR B 48 0.67 19.82 -16.75
CA THR B 48 -0.58 20.60 -16.65
C THR B 48 -0.97 21.18 -18.05
N GLU B 49 0.02 21.75 -18.72
CA GLU B 49 -0.12 22.25 -20.12
C GLU B 49 -0.58 21.10 -21.04
N TYR B 50 0.06 19.93 -20.92
CA TYR B 50 -0.29 18.76 -21.77
C TYR B 50 -1.75 18.34 -21.54
N ALA B 51 -2.18 18.32 -20.26
CA ALA B 51 -3.54 17.84 -19.92
C ALA B 51 -4.58 18.85 -20.44
N ARG B 52 -4.25 20.15 -20.40
CA ARG B 52 -5.12 21.24 -20.90
C ARG B 52 -5.28 21.11 -22.43
N ILE B 53 -4.16 21.05 -23.13
CA ILE B 53 -4.16 20.94 -24.62
C ILE B 53 -4.90 19.67 -25.02
N SER B 54 -4.64 18.54 -24.35
CA SER B 54 -5.25 17.20 -24.62
C SER B 54 -6.78 17.30 -24.59
N THR B 55 -7.35 18.13 -23.73
CA THR B 55 -8.83 18.22 -23.56
C THR B 55 -9.36 19.32 -24.46
N GLY B 56 -8.47 19.97 -25.24
CA GLY B 56 -8.84 20.92 -26.29
C GLY B 56 -8.76 22.37 -25.86
N LYS B 57 -8.28 22.69 -24.65
CA LYS B 57 -8.08 24.11 -24.22
C LYS B 57 -6.99 24.74 -25.08
N PRO B 58 -6.90 26.09 -25.16
CA PRO B 58 -5.81 26.68 -25.94
C PRO B 58 -4.48 26.44 -25.20
N ALA B 59 -3.40 26.27 -25.95
CA ALA B 59 -2.00 26.32 -25.47
C ALA B 59 -1.76 27.63 -24.72
N GLU B 60 -1.12 27.53 -23.57
CA GLU B 60 -0.57 28.68 -22.82
C GLU B 60 0.95 28.78 -22.96
N PHE B 61 1.59 27.72 -23.46
CA PHE B 61 3.06 27.73 -23.62
C PHE B 61 3.30 28.22 -25.03
N VAL B 62 3.96 29.36 -25.17
CA VAL B 62 4.25 29.96 -26.50
C VAL B 62 5.73 30.39 -26.50
N GLY B 63 6.24 30.77 -27.68
CA GLY B 63 7.63 31.26 -27.82
C GLY B 63 8.59 30.37 -27.03
N ASN B 64 9.37 30.98 -26.15
CA ASN B 64 10.53 30.37 -25.45
C ASN B 64 10.04 29.45 -24.34
N THR B 65 8.79 29.61 -23.89
CA THR B 65 8.23 28.68 -22.89
C THR B 65 8.04 27.30 -23.57
N ALA B 66 7.30 27.26 -24.66
CA ALA B 66 7.11 26.09 -25.55
C ALA B 66 8.46 25.45 -25.87
N LEU B 67 9.48 26.24 -26.22
CA LEU B 67 10.81 25.68 -26.52
C LEU B 67 11.37 25.06 -25.25
N ALA B 68 11.31 25.75 -24.13
CA ALA B 68 11.85 25.18 -22.86
C ALA B 68 11.17 23.86 -22.49
N ALA B 69 9.93 23.62 -22.89
CA ALA B 69 9.18 22.43 -22.43
C ALA B 69 9.60 21.21 -23.24
N ASP B 70 10.02 21.40 -24.50
CA ASP B 70 10.22 20.28 -25.45
C ASP B 70 11.65 19.73 -25.23
N VAL B 71 11.87 19.03 -24.10
CA VAL B 71 13.27 18.74 -23.63
C VAL B 71 13.91 17.63 -24.49
N ASN B 72 13.11 16.74 -25.08
CA ASN B 72 13.60 15.67 -25.96
C ASN B 72 13.54 16.12 -27.42
N LYS B 73 13.18 17.37 -27.69
CA LYS B 73 13.35 17.95 -29.06
C LYS B 73 12.64 17.10 -30.13
N ASP B 74 11.42 16.62 -29.86
CA ASP B 74 10.66 15.80 -30.84
C ASP B 74 9.55 16.64 -31.48
N ASN B 75 9.56 17.95 -31.17
CA ASN B 75 8.61 18.95 -31.70
C ASN B 75 7.22 18.66 -31.17
N MET B 76 7.08 18.14 -29.97
CA MET B 76 5.76 18.16 -29.30
C MET B 76 5.96 18.20 -27.80
N ILE B 77 4.95 18.70 -27.09
CA ILE B 77 5.03 18.85 -25.60
C ILE B 77 4.06 17.83 -25.03
N ASP B 78 4.56 16.81 -24.30
CA ASP B 78 3.69 15.73 -23.79
C ASP B 78 4.30 15.20 -22.49
N ALA B 79 3.72 14.14 -21.98
CA ALA B 79 4.11 13.64 -20.65
C ALA B 79 5.56 13.08 -20.71
N ALA B 80 6.12 12.77 -21.89
CA ALA B 80 7.52 12.29 -21.97
C ALA B 80 8.45 13.43 -21.55
N ASP B 81 8.14 14.66 -21.94
CA ASP B 81 8.96 15.83 -21.52
C ASP B 81 8.82 15.98 -20.00
N ALA B 82 7.60 15.88 -19.49
CA ALA B 82 7.34 16.14 -18.08
C ALA B 82 8.11 15.06 -17.29
N THR B 83 8.09 13.83 -17.78
CA THR B 83 8.76 12.64 -17.13
C THR B 83 10.29 12.89 -17.10
N HIS B 84 10.81 13.39 -18.20
CA HIS B 84 12.26 13.70 -18.30
C HIS B 84 12.66 14.80 -17.35
N ILE B 85 11.82 15.82 -17.16
CA ILE B 85 12.22 16.91 -16.25
C ILE B 85 12.23 16.32 -14.85
N LEU B 86 11.24 15.50 -14.54
CA LEU B 86 11.11 15.02 -13.14
C LEU B 86 12.31 14.14 -12.89
N THR B 87 12.69 13.32 -13.87
CA THR B 87 13.78 12.34 -13.66
C THR B 87 15.06 13.17 -13.51
N TYR B 88 15.22 14.22 -14.32
CA TYR B 88 16.45 15.05 -14.08
C TYR B 88 16.45 15.64 -12.66
N TYR B 89 15.30 16.11 -12.22
CA TYR B 89 15.19 16.73 -10.87
C TYR B 89 15.67 15.68 -9.86
N ALA B 90 15.21 14.44 -10.02
CA ALA B 90 15.56 13.37 -9.05
C ALA B 90 17.05 13.00 -9.16
N ILE B 91 17.57 12.92 -10.39
CA ILE B 91 19.03 12.68 -10.55
C ILE B 91 19.82 13.79 -9.90
N SER B 92 19.44 15.05 -10.13
CA SER B 92 20.24 16.20 -9.65
C SER B 92 20.16 16.21 -8.15
N SER B 93 19.11 15.58 -7.61
CA SER B 93 18.88 15.49 -6.13
C SER B 93 19.63 14.36 -5.47
N THR B 94 20.28 13.56 -6.28
CA THR B 94 20.95 12.35 -5.76
C THR B 94 22.41 12.34 -6.25
N ARG B 95 22.66 11.56 -7.27
CA ARG B 95 24.03 11.39 -7.80
C ARG B 95 24.52 12.70 -8.42
N ASP B 96 23.61 13.52 -8.95
CA ASP B 96 23.96 14.87 -9.49
C ASP B 96 25.26 14.81 -10.29
N ASP B 97 25.32 13.98 -11.32
CA ASP B 97 26.60 13.72 -12.00
C ASP B 97 26.45 13.99 -13.49
N ILE B 98 25.43 14.74 -13.87
CA ILE B 98 25.25 15.09 -15.32
C ILE B 98 24.53 16.44 -15.38
N THR B 99 24.93 17.31 -16.31
CA THR B 99 24.28 18.62 -16.50
C THR B 99 22.87 18.34 -17.04
N SER B 100 21.97 19.29 -16.88
CA SER B 100 20.60 19.18 -17.41
C SER B 100 20.68 19.11 -18.93
N ASP B 101 21.53 19.93 -19.51
CA ASP B 101 21.66 20.02 -20.98
C ASP B 101 22.16 18.66 -21.51
N ASP B 102 23.12 18.01 -20.82
CA ASP B 102 23.63 16.68 -21.29
C ASP B 102 22.54 15.63 -21.04
N TYR B 103 21.83 15.71 -19.92
CA TYR B 103 20.75 14.73 -19.61
C TYR B 103 19.67 14.77 -20.72
N PHE B 104 19.18 15.97 -21.09
CA PHE B 104 18.09 16.08 -22.11
C PHE B 104 18.62 15.67 -23.50
N ALA B 105 19.91 15.90 -23.77
CA ALA B 105 20.51 15.55 -25.07
C ALA B 105 20.57 14.03 -25.27
N LEU B 106 20.60 13.26 -24.20
CA LEU B 106 20.60 11.77 -24.27
C LEU B 106 19.36 11.29 -25.03
N HIS B 107 18.32 12.09 -25.04
CA HIS B 107 16.96 11.64 -25.45
C HIS B 107 16.53 12.44 -26.67
N GLN B 108 17.42 13.26 -27.19
CA GLN B 108 17.14 14.07 -28.41
C GLN B 108 17.57 13.30 -29.67
N PRO B 109 16.88 13.58 -30.80
CA PRO B 109 17.15 12.95 -32.08
C PRO B 109 18.57 13.28 -32.63
N LEU B 110 19.23 12.24 -33.11
CA LEU B 110 20.62 12.42 -33.61
C LEU B 110 20.61 13.36 -34.84
N MET C 1 -20.90 -4.77 -16.00
CA MET C 1 -21.88 -5.65 -15.29
C MET C 1 -21.22 -6.19 -14.02
N LEU C 2 -21.93 -6.07 -12.90
CA LEU C 2 -21.64 -6.65 -11.58
C LEU C 2 -22.94 -7.20 -11.00
N THR C 3 -22.92 -8.30 -10.23
CA THR C 3 -24.13 -8.73 -9.46
C THR C 3 -23.86 -8.66 -7.95
N ASP C 4 -24.91 -8.66 -7.15
CA ASP C 4 -24.79 -8.66 -5.66
C ASP C 4 -24.67 -10.10 -5.13
N ARG C 5 -23.47 -10.60 -4.86
CA ARG C 5 -23.27 -12.02 -4.51
C ARG C 5 -23.21 -12.17 -2.99
N GLY C 6 -23.10 -11.05 -2.29
CA GLY C 6 -23.02 -11.00 -0.81
C GLY C 6 -24.24 -11.65 -0.19
N MET C 7 -24.06 -12.34 0.92
CA MET C 7 -25.12 -12.98 1.70
C MET C 7 -25.26 -12.25 3.02
N THR C 8 -26.37 -12.51 3.70
CA THR C 8 -26.68 -11.96 5.05
C THR C 8 -25.76 -12.67 6.06
N TYR C 9 -25.05 -11.88 6.85
CA TYR C 9 -24.26 -12.41 8.00
C TYR C 9 -25.20 -12.95 9.09
N ASP C 10 -25.17 -14.26 9.34
CA ASP C 10 -26.22 -14.95 10.10
C ASP C 10 -25.63 -15.86 11.16
N LEU C 11 -24.33 -15.75 11.44
CA LEU C 11 -23.80 -16.57 12.56
C LEU C 11 -24.19 -15.89 13.86
N ASP C 12 -24.03 -16.61 14.95
CA ASP C 12 -24.23 -16.05 16.29
C ASP C 12 -22.84 -15.82 16.87
N PRO C 13 -22.47 -14.59 17.24
CA PRO C 13 -23.35 -13.42 17.19
C PRO C 13 -23.30 -12.65 15.87
N LYS C 14 -24.39 -11.98 15.49
CA LYS C 14 -24.41 -11.21 14.22
C LYS C 14 -24.47 -9.70 14.46
N ASP C 15 -24.62 -9.27 15.71
CA ASP C 15 -24.60 -7.84 16.11
C ASP C 15 -23.23 -7.53 16.72
N GLY C 16 -22.36 -6.92 15.95
CA GLY C 16 -20.99 -6.59 16.38
C GLY C 16 -20.86 -5.14 16.81
N SER C 17 -21.97 -4.42 17.01
CA SER C 17 -21.99 -2.99 17.38
C SER C 17 -21.19 -2.78 18.67
N SER C 18 -21.16 -3.80 19.56
CA SER C 18 -20.40 -3.73 20.83
C SER C 18 -19.01 -4.39 20.75
N ALA C 19 -18.54 -4.78 19.57
CA ALA C 19 -17.18 -5.37 19.43
C ALA C 19 -16.13 -4.40 19.99
N ALA C 20 -15.18 -4.92 20.73
CA ALA C 20 -13.96 -4.21 21.20
C ALA C 20 -13.07 -3.81 20.01
N THR C 21 -13.06 -4.61 18.95
CA THR C 21 -12.27 -4.35 17.71
C THR C 21 -13.29 -4.23 16.59
N LYS C 22 -13.28 -3.09 15.90
CA LYS C 22 -14.23 -2.71 14.82
C LYS C 22 -13.46 -2.52 13.50
N PRO C 23 -13.03 -3.61 12.84
CA PRO C 23 -12.21 -3.49 11.64
C PRO C 23 -13.04 -2.93 10.48
N VAL C 24 -12.44 -2.00 9.76
CA VAL C 24 -13.07 -1.37 8.57
C VAL C 24 -12.18 -1.59 7.36
N LEU C 25 -12.77 -2.08 6.28
CA LEU C 25 -12.02 -2.33 5.03
C LEU C 25 -12.37 -1.25 4.03
N GLU C 26 -11.41 -0.42 3.60
CA GLU C 26 -11.63 0.58 2.53
C GLU C 26 -11.07 0.06 1.21
N VAL C 27 -11.83 0.27 0.14
CA VAL C 27 -11.46 -0.13 -1.26
C VAL C 27 -11.28 1.15 -2.07
N THR C 28 -10.29 1.13 -2.94
CA THR C 28 -9.92 2.26 -3.82
C THR C 28 -11.20 2.83 -4.40
N LYS C 29 -11.33 4.16 -4.40
CA LYS C 29 -12.34 4.89 -5.20
C LYS C 29 -11.57 5.74 -6.21
N LYS C 30 -11.35 5.23 -7.43
CA LYS C 30 -10.53 5.84 -8.51
C LYS C 30 -11.46 6.62 -9.45
N VAL C 31 -11.21 7.91 -9.56
CA VAL C 31 -11.94 8.78 -10.53
C VAL C 31 -10.94 9.33 -11.53
N PHE C 32 -11.20 9.04 -12.80
CA PHE C 32 -10.57 9.69 -13.95
C PHE C 32 -11.43 10.89 -14.36
N ASP C 33 -10.79 11.95 -14.87
CA ASP C 33 -11.46 13.20 -15.32
C ASP C 33 -12.15 12.93 -16.66
N THR C 34 -11.44 12.29 -17.60
CA THR C 34 -11.86 12.04 -19.01
C THR C 34 -11.72 10.54 -19.35
N ALA C 35 -12.43 10.11 -20.41
CA ALA C 35 -12.31 8.74 -20.97
C ALA C 35 -10.89 8.52 -21.49
N ALA C 36 -10.31 9.53 -22.11
CA ALA C 36 -8.93 9.50 -22.64
C ALA C 36 -7.97 9.19 -21.48
N ASP C 37 -8.18 9.80 -20.30
CA ASP C 37 -7.33 9.56 -19.11
C ASP C 37 -7.41 8.07 -18.70
N ALA C 38 -8.58 7.44 -18.81
CA ALA C 38 -8.89 6.12 -18.20
C ALA C 38 -8.60 4.97 -19.16
N ALA C 39 -8.88 5.13 -20.46
CA ALA C 39 -8.93 4.03 -21.45
C ALA C 39 -7.55 3.38 -21.56
N GLY C 40 -7.44 2.10 -21.13
CA GLY C 40 -6.20 1.30 -21.27
C GLY C 40 -5.32 1.39 -20.03
N GLN C 41 -5.81 2.05 -18.97
CA GLN C 41 -4.99 2.30 -17.75
C GLN C 41 -5.17 1.15 -16.78
N THR C 42 -4.10 0.79 -16.10
CA THR C 42 -4.15 -0.16 -14.95
C THR C 42 -4.20 0.63 -13.65
N VAL C 43 -5.15 0.26 -12.79
CA VAL C 43 -5.42 0.87 -11.45
C VAL C 43 -5.04 -0.16 -10.39
N THR C 44 -4.11 0.18 -9.51
CA THR C 44 -3.84 -0.58 -8.26
C THR C 44 -5.01 -0.36 -7.31
N VAL C 45 -5.87 -1.35 -7.20
CA VAL C 45 -6.98 -1.31 -6.22
C VAL C 45 -6.48 -1.91 -4.92
N GLU C 46 -6.55 -1.16 -3.81
CA GLU C 46 -6.11 -1.61 -2.47
C GLU C 46 -7.31 -2.07 -1.67
N PHE C 47 -7.14 -3.09 -0.86
CA PHE C 47 -8.10 -3.52 0.15
C PHE C 47 -7.40 -3.24 1.48
N LYS C 48 -7.77 -2.10 2.10
CA LYS C 48 -7.00 -1.48 3.21
C LYS C 48 -7.81 -1.60 4.51
N VAL C 49 -7.31 -2.30 5.51
CA VAL C 49 -8.04 -2.46 6.80
C VAL C 49 -7.53 -1.43 7.84
N SER C 50 -8.43 -0.96 8.72
CA SER C 50 -8.11 -0.04 9.83
C SER C 50 -8.92 -0.43 11.07
N GLY C 51 -8.37 -0.15 12.24
CA GLY C 51 -9.01 -0.37 13.56
C GLY C 51 -8.72 -1.74 14.10
N ALA C 52 -7.82 -2.51 13.49
CA ALA C 52 -7.63 -3.92 13.90
C ALA C 52 -6.17 -4.32 14.13
N GLU C 53 -5.27 -3.35 14.35
CA GLU C 53 -3.82 -3.62 14.50
C GLU C 53 -3.62 -4.61 15.63
N GLY C 54 -3.01 -5.77 15.34
CA GLY C 54 -2.68 -6.73 16.42
C GLY C 54 -3.88 -7.46 17.01
N LYS C 55 -5.03 -7.45 16.35
CA LYS C 55 -6.29 -7.97 16.91
C LYS C 55 -6.90 -9.07 16.04
N TYR C 56 -6.25 -9.47 14.94
CA TYR C 56 -6.80 -10.55 14.08
C TYR C 56 -5.69 -11.51 13.63
N ALA C 57 -6.10 -12.70 13.24
CA ALA C 57 -5.14 -13.73 12.74
C ALA C 57 -5.67 -14.40 11.45
N THR C 58 -6.96 -14.58 11.34
CA THR C 58 -7.54 -15.52 10.37
C THR C 58 -8.54 -14.76 9.53
N THR C 59 -8.35 -14.70 8.21
CA THR C 59 -9.28 -13.91 7.37
C THR C 59 -9.55 -14.64 6.06
N GLY C 60 -10.72 -14.36 5.49
CA GLY C 60 -11.14 -14.92 4.22
C GLY C 60 -12.34 -14.17 3.68
N TYR C 61 -12.21 -13.55 2.53
CA TYR C 61 -13.35 -12.80 2.01
C TYR C 61 -13.28 -12.76 0.50
N HIS C 62 -14.42 -12.46 -0.09
CA HIS C 62 -14.59 -12.46 -1.56
C HIS C 62 -14.46 -11.03 -2.09
N ILE C 63 -13.81 -10.92 -3.24
CA ILE C 63 -13.70 -9.66 -3.99
C ILE C 63 -14.29 -9.93 -5.37
N TYR C 64 -15.09 -9.00 -5.89
CA TYR C 64 -15.62 -9.07 -7.27
C TYR C 64 -15.48 -7.69 -7.91
N TRP C 65 -15.32 -7.68 -9.21
CA TRP C 65 -15.27 -6.40 -9.97
C TRP C 65 -16.11 -6.49 -11.23
N ASP C 66 -16.45 -5.32 -11.77
CA ASP C 66 -17.15 -5.16 -13.04
C ASP C 66 -16.46 -6.04 -14.08
N GLU C 67 -17.26 -6.88 -14.78
CA GLU C 67 -16.83 -7.83 -15.84
C GLU C 67 -16.03 -7.12 -16.95
N ARG C 68 -16.29 -5.84 -17.18
CA ARG C 68 -15.65 -5.06 -18.27
C ARG C 68 -14.18 -4.79 -17.91
N LEU C 69 -13.82 -4.79 -16.64
CA LEU C 69 -12.41 -4.56 -16.23
C LEU C 69 -11.63 -5.84 -16.49
N GLU C 70 -10.34 -5.70 -16.79
CA GLU C 70 -9.41 -6.83 -17.09
C GLU C 70 -8.41 -6.95 -15.97
N VAL C 71 -8.34 -8.08 -15.29
CA VAL C 71 -7.33 -8.24 -14.19
C VAL C 71 -5.96 -8.54 -14.80
N VAL C 72 -4.93 -7.93 -14.24
CA VAL C 72 -3.52 -8.20 -14.62
C VAL C 72 -2.95 -9.13 -13.52
N ALA C 73 -2.81 -10.42 -13.83
CA ALA C 73 -2.41 -11.47 -12.84
C ALA C 73 -1.00 -11.15 -12.38
N THR C 74 -0.61 -11.63 -11.22
CA THR C 74 0.79 -11.71 -10.78
C THR C 74 1.50 -12.79 -11.60
N LYS C 75 2.80 -12.93 -11.41
CA LYS C 75 3.65 -13.86 -12.21
C LYS C 75 3.13 -15.28 -12.03
N THR C 76 2.51 -15.60 -10.91
CA THR C 76 2.02 -16.98 -10.58
C THR C 76 0.64 -17.19 -11.18
N GLY C 77 -0.02 -16.15 -11.67
CA GLY C 77 -1.41 -16.29 -12.17
C GLY C 77 -2.44 -15.73 -11.20
N ALA C 78 -2.05 -15.37 -9.98
CA ALA C 78 -2.98 -14.94 -8.91
C ALA C 78 -3.55 -13.57 -9.28
N TYR C 79 -4.85 -13.37 -9.13
CA TYR C 79 -5.48 -12.05 -9.37
C TYR C 79 -5.22 -11.06 -8.23
N ALA C 80 -4.75 -11.49 -7.05
CA ALA C 80 -4.49 -10.59 -5.91
C ALA C 80 -3.09 -10.84 -5.38
N LYS C 81 -2.49 -9.77 -4.87
CA LYS C 81 -1.16 -9.84 -4.21
C LYS C 81 -1.24 -9.31 -2.78
N LYS C 82 -0.69 -10.05 -1.82
CA LYS C 82 -0.79 -9.63 -0.42
C LYS C 82 0.01 -8.36 -0.18
N GLY C 83 -0.40 -7.55 0.79
CA GLY C 83 0.34 -6.34 1.19
C GLY C 83 0.76 -6.35 2.65
N ALA C 84 1.30 -5.22 3.09
CA ALA C 84 2.03 -5.15 4.36
C ALA C 84 1.10 -5.32 5.58
N ALA C 85 -0.25 -5.27 5.50
CA ALA C 85 -1.14 -5.63 6.64
C ALA C 85 -0.92 -7.12 6.96
N LEU C 86 -0.53 -7.92 5.96
CA LEU C 86 -0.29 -9.37 6.15
C LEU C 86 1.19 -9.72 6.26
N GLU C 87 2.11 -8.75 6.44
CA GLU C 87 3.54 -9.14 6.36
C GLU C 87 3.94 -10.03 7.53
N ASP C 88 3.25 -9.97 8.65
CA ASP C 88 3.57 -10.83 9.81
C ASP C 88 2.64 -12.05 9.85
N SER C 89 1.86 -12.27 8.80
CA SER C 89 0.97 -13.46 8.70
C SER C 89 1.64 -14.46 7.75
N SER C 90 2.07 -15.63 8.23
CA SER C 90 2.85 -16.57 7.38
C SER C 90 1.95 -17.39 6.46
N LEU C 91 0.63 -17.37 6.65
CA LEU C 91 -0.31 -17.96 5.66
C LEU C 91 -1.04 -16.83 4.91
N ALA C 92 -0.96 -16.86 3.59
CA ALA C 92 -1.69 -15.95 2.70
C ALA C 92 -1.94 -16.67 1.38
N LYS C 93 -3.17 -16.60 0.88
CA LYS C 93 -3.57 -17.32 -0.34
C LYS C 93 -4.65 -16.51 -1.07
N ALA C 94 -4.47 -16.37 -2.37
CA ALA C 94 -5.52 -15.81 -3.23
C ALA C 94 -5.91 -16.91 -4.22
N GLU C 95 -7.20 -17.14 -4.42
CA GLU C 95 -7.66 -18.12 -5.42
C GLU C 95 -8.62 -17.40 -6.38
N ASN C 96 -8.33 -17.48 -7.67
CA ASN C 96 -9.15 -16.77 -8.68
C ASN C 96 -10.61 -17.25 -8.68
N ASN C 97 -11.54 -16.34 -9.00
CA ASN C 97 -12.97 -16.69 -8.93
C ASN C 97 -13.75 -15.95 -10.00
N GLY C 98 -13.42 -16.14 -11.28
CA GLY C 98 -14.13 -15.48 -12.38
C GLY C 98 -13.67 -14.06 -12.45
N ASN C 99 -14.61 -13.11 -12.50
CA ASN C 99 -14.45 -11.64 -12.33
C ASN C 99 -14.30 -11.34 -10.83
N GLY C 100 -13.33 -11.99 -10.21
CA GLY C 100 -13.12 -11.85 -8.77
C GLY C 100 -12.07 -12.79 -8.28
N VAL C 101 -11.90 -12.76 -6.99
CA VAL C 101 -10.81 -13.48 -6.35
C VAL C 101 -11.26 -13.66 -4.91
N PHE C 102 -10.77 -14.73 -4.28
CA PHE C 102 -10.96 -15.02 -2.84
C PHE C 102 -9.61 -14.83 -2.16
N VAL C 103 -9.60 -14.18 -1.00
CA VAL C 103 -8.32 -13.78 -0.35
C VAL C 103 -8.37 -14.21 1.11
N ALA C 104 -7.36 -14.97 1.51
CA ALA C 104 -7.37 -15.56 2.87
C ALA C 104 -6.00 -15.47 3.52
N SER C 105 -5.99 -15.45 4.85
CA SER C 105 -4.76 -15.28 5.63
C SER C 105 -4.89 -16.06 6.94
N GLY C 106 -3.73 -16.31 7.51
CA GLY C 106 -3.58 -17.11 8.76
C GLY C 106 -2.32 -16.69 9.45
N ALA C 107 -2.22 -16.94 10.78
CA ALA C 107 -1.03 -16.50 11.52
C ALA C 107 -1.02 -17.19 12.88
N ASP C 108 0.17 -17.32 13.45
CA ASP C 108 0.33 -18.17 14.65
C ASP C 108 0.11 -17.33 15.93
N ASP C 109 -0.26 -16.08 15.77
CA ASP C 109 -0.71 -15.22 16.89
C ASP C 109 -1.56 -14.15 16.23
N ASP C 110 -2.03 -13.18 17.01
CA ASP C 110 -2.79 -12.02 16.49
C ASP C 110 -1.78 -11.05 15.89
N PHE C 111 -1.26 -11.39 14.71
CA PHE C 111 -0.25 -10.55 14.03
C PHE C 111 -0.84 -9.81 12.82
N GLY C 112 -2.09 -10.03 12.44
CA GLY C 112 -2.81 -9.11 11.53
C GLY C 112 -2.53 -7.68 11.92
N ALA C 113 -2.27 -6.83 10.92
CA ALA C 113 -1.93 -5.43 11.13
C ALA C 113 -2.87 -4.58 10.27
N ASP C 114 -2.91 -3.30 10.58
CA ASP C 114 -3.69 -2.37 9.73
C ASP C 114 -2.93 -2.16 8.42
N GLY C 115 -3.61 -1.66 7.38
CA GLY C 115 -2.94 -1.26 6.12
C GLY C 115 -3.37 -2.15 5.01
N VAL C 116 -2.51 -2.33 4.01
CA VAL C 116 -2.94 -2.97 2.74
C VAL C 116 -2.97 -4.47 2.93
N MET C 117 -4.15 -5.07 2.93
CA MET C 117 -4.26 -6.54 3.01
C MET C 117 -3.89 -7.15 1.66
N TRP C 118 -4.43 -6.58 0.56
CA TRP C 118 -4.36 -7.16 -0.80
C TRP C 118 -4.38 -5.99 -1.78
N THR C 119 -3.75 -6.17 -2.91
CA THR C 119 -3.88 -5.26 -4.09
C THR C 119 -4.36 -6.11 -5.28
N VAL C 120 -5.21 -5.53 -6.12
CA VAL C 120 -5.63 -6.18 -7.38
C VAL C 120 -5.43 -5.13 -8.48
N GLU C 121 -4.73 -5.46 -9.54
CA GLU C 121 -4.49 -4.56 -10.71
C GLU C 121 -5.62 -4.71 -11.71
N LEU C 122 -6.35 -3.63 -11.99
CA LEU C 122 -7.55 -3.72 -12.87
C LEU C 122 -7.35 -2.74 -14.01
N LYS C 123 -7.56 -3.23 -15.23
CA LYS C 123 -7.29 -2.45 -16.45
C LYS C 123 -8.63 -2.03 -17.03
N VAL C 124 -8.73 -0.73 -17.30
CA VAL C 124 -9.96 -0.08 -17.85
C VAL C 124 -10.02 -0.41 -19.33
N PRO C 125 -11.18 -0.86 -19.86
CA PRO C 125 -11.24 -1.22 -21.26
C PRO C 125 -11.03 -0.03 -22.21
N ALA C 126 -10.58 -0.33 -23.43
CA ALA C 126 -10.24 0.63 -24.49
C ALA C 126 -11.46 1.51 -24.87
N ASP C 127 -12.67 0.99 -24.65
CA ASP C 127 -13.94 1.62 -25.12
C ASP C 127 -14.63 2.39 -23.97
N ALA C 128 -13.94 2.60 -22.84
CA ALA C 128 -14.43 3.43 -21.72
C ALA C 128 -15.02 4.75 -22.23
N LYS C 129 -16.09 5.19 -21.56
CA LYS C 129 -16.82 6.45 -21.85
C LYS C 129 -16.89 7.31 -20.59
N ALA C 130 -16.91 8.62 -20.77
CA ALA C 130 -17.36 9.59 -19.74
C ALA C 130 -18.61 9.03 -19.05
N GLY C 131 -18.67 9.07 -17.72
CA GLY C 131 -19.89 8.61 -17.01
C GLY C 131 -19.82 7.18 -16.53
N ASP C 132 -18.98 6.37 -17.15
CA ASP C 132 -18.88 4.93 -16.80
C ASP C 132 -18.46 4.75 -15.34
N VAL C 133 -19.05 3.75 -14.69
CA VAL C 133 -18.63 3.37 -13.31
C VAL C 133 -18.38 1.87 -13.33
N TYR C 134 -17.20 1.45 -12.90
CA TYR C 134 -16.82 0.02 -12.83
C TYR C 134 -16.71 -0.40 -11.37
N PRO C 135 -17.77 -0.90 -10.74
CA PRO C 135 -17.78 -1.05 -9.29
C PRO C 135 -16.92 -2.25 -8.88
N ILE C 136 -16.45 -2.24 -7.61
CA ILE C 136 -15.56 -3.28 -7.05
C ILE C 136 -16.14 -3.62 -5.68
N ASP C 137 -16.43 -4.89 -5.47
CA ASP C 137 -17.27 -5.30 -4.32
C ASP C 137 -16.47 -6.20 -3.40
N VAL C 138 -16.60 -5.96 -2.10
CA VAL C 138 -16.19 -6.95 -1.07
C VAL C 138 -17.47 -7.57 -0.52
N ALA C 139 -17.51 -8.90 -0.47
CA ALA C 139 -18.76 -9.64 -0.17
C ALA C 139 -18.43 -10.74 0.83
N TYR C 140 -19.41 -10.96 1.72
CA TYR C 140 -19.49 -12.12 2.62
C TYR C 140 -20.24 -13.23 1.93
N GLN C 141 -19.68 -14.44 1.97
CA GLN C 141 -20.39 -15.65 1.50
C GLN C 141 -20.31 -16.70 2.60
N TRP C 142 -21.29 -17.58 2.59
CA TRP C 142 -21.38 -18.71 3.53
C TRP C 142 -22.13 -19.83 2.83
N ASP C 143 -21.75 -21.05 3.15
CA ASP C 143 -22.58 -22.25 2.88
C ASP C 143 -22.33 -23.20 4.04
N PRO C 144 -23.17 -24.24 4.15
CA PRO C 144 -23.05 -25.24 5.22
C PRO C 144 -21.63 -25.82 5.41
N SER C 145 -20.79 -25.78 4.37
CA SER C 145 -19.42 -26.36 4.43
C SER C 145 -18.42 -25.34 4.96
N LYS C 146 -18.58 -24.04 4.74
CA LYS C 146 -17.55 -23.07 5.21
C LYS C 146 -18.11 -21.68 4.97
N GLY C 147 -17.54 -20.72 5.66
CA GLY C 147 -17.88 -19.33 5.34
C GLY C 147 -16.70 -18.41 5.39
N ASP C 148 -16.94 -17.15 5.09
CA ASP C 148 -15.87 -16.13 5.16
C ASP C 148 -15.55 -15.78 6.60
N LEU C 149 -14.35 -15.28 6.83
CA LEU C 149 -13.81 -15.12 8.20
C LEU C 149 -13.12 -13.79 8.42
N PHE C 150 -13.15 -13.29 9.66
CA PHE C 150 -12.29 -12.18 10.14
C PHE C 150 -12.24 -12.29 11.66
N THR C 151 -11.35 -13.12 12.19
CA THR C 151 -11.33 -13.53 13.62
C THR C 151 -9.88 -13.51 14.13
N ASP C 152 -9.77 -13.70 15.42
CA ASP C 152 -8.45 -13.73 16.11
C ASP C 152 -7.93 -15.18 16.12
N ASN C 153 -6.71 -15.35 16.59
CA ASN C 153 -5.99 -16.66 16.57
C ASN C 153 -6.89 -17.72 17.20
N LYS C 154 -7.43 -17.42 18.38
CA LYS C 154 -8.16 -18.40 19.21
C LYS C 154 -9.61 -18.54 18.70
N ASP C 155 -10.05 -17.66 17.81
CA ASP C 155 -11.48 -17.55 17.45
C ASP C 155 -12.30 -17.45 18.75
N SER C 156 -11.91 -16.50 19.56
CA SER C 156 -12.51 -16.14 20.87
C SER C 156 -13.91 -15.51 20.72
N ALA C 157 -14.64 -15.34 21.83
CA ALA C 157 -15.85 -14.48 21.81
C ALA C 157 -15.55 -13.13 21.17
N GLN C 158 -14.43 -12.48 21.49
CA GLN C 158 -14.16 -11.10 21.01
C GLN C 158 -13.86 -11.22 19.51
N GLY C 159 -13.20 -12.31 19.11
CA GLY C 159 -12.88 -12.56 17.70
C GLY C 159 -14.17 -12.70 16.91
N LYS C 160 -15.10 -13.50 17.42
CA LYS C 160 -16.39 -13.69 16.72
C LYS C 160 -17.14 -12.34 16.64
N LEU C 161 -17.04 -11.44 17.63
CA LEU C 161 -17.78 -10.16 17.62
C LEU C 161 -17.15 -9.21 16.61
N MET C 162 -15.83 -9.26 16.54
CA MET C 162 -15.07 -8.43 15.59
C MET C 162 -15.45 -8.92 14.18
N GLN C 163 -15.57 -10.24 14.00
CA GLN C 163 -15.95 -10.81 12.69
C GLN C 163 -17.33 -10.23 12.30
N ALA C 164 -18.28 -10.21 13.23
CA ALA C 164 -19.66 -9.72 12.97
C ALA C 164 -19.56 -8.27 12.52
N TYR C 165 -18.78 -7.47 13.23
CA TYR C 165 -18.56 -6.06 12.91
C TYR C 165 -18.01 -6.00 11.48
N PHE C 166 -17.00 -6.79 11.17
CA PHE C 166 -16.30 -6.63 9.87
C PHE C 166 -17.30 -6.76 8.72
N PHE C 167 -18.10 -7.81 8.77
CA PHE C 167 -18.98 -8.17 7.64
C PHE C 167 -20.23 -7.31 7.66
N THR C 168 -20.73 -6.85 8.82
CA THR C 168 -22.03 -6.12 8.88
C THR C 168 -21.85 -4.61 8.84
N GLN C 169 -20.70 -4.08 9.26
CA GLN C 169 -20.43 -2.61 9.33
C GLN C 169 -19.06 -2.26 8.73
N GLY C 170 -18.07 -3.18 8.74
CA GLY C 170 -16.71 -2.89 8.23
C GLY C 170 -16.65 -2.79 6.72
N ILE C 171 -17.63 -3.40 6.05
CA ILE C 171 -17.76 -3.34 4.56
C ILE C 171 -19.20 -2.98 4.21
N LYS C 172 -19.35 -2.61 2.96
CA LYS C 172 -20.64 -2.25 2.33
C LYS C 172 -21.29 -3.52 1.81
N SER C 173 -22.62 -3.46 1.71
CA SER C 173 -23.49 -4.59 1.30
C SER C 173 -24.91 -4.09 1.12
N SER C 174 -25.85 -4.93 0.67
CA SER C 174 -27.29 -4.58 0.59
C SER C 174 -27.82 -4.13 1.97
N SER C 175 -27.38 -4.76 3.05
CA SER C 175 -27.80 -4.46 4.45
CA SER C 175 -27.81 -4.46 4.45
C SER C 175 -27.09 -3.22 5.00
N ASN C 176 -25.89 -2.91 4.49
CA ASN C 176 -25.12 -1.68 4.86
C ASN C 176 -24.65 -0.97 3.60
N PRO C 177 -25.56 -0.30 2.87
CA PRO C 177 -25.25 0.21 1.53
C PRO C 177 -24.38 1.49 1.54
N SER C 178 -23.54 1.63 0.51
CA SER C 178 -22.82 2.87 0.15
C SER C 178 -23.85 3.96 -0.19
N THR C 179 -23.53 5.21 0.14
CA THR C 179 -24.24 6.45 -0.25
C THR C 179 -23.40 7.24 -1.24
N ASP C 180 -22.29 6.67 -1.75
CA ASP C 180 -21.34 7.30 -2.69
C ASP C 180 -22.05 7.50 -4.03
N GLU C 181 -22.02 8.71 -4.60
CA GLU C 181 -22.85 9.04 -5.78
C GLU C 181 -22.48 8.14 -6.97
N TYR C 182 -21.22 7.69 -7.09
CA TYR C 182 -20.79 6.85 -8.23
C TYR C 182 -21.45 5.48 -8.11
N LEU C 183 -21.47 4.88 -6.91
CA LEU C 183 -22.10 3.55 -6.75
C LEU C 183 -23.63 3.62 -6.86
N VAL C 184 -24.26 4.71 -6.40
CA VAL C 184 -25.72 4.95 -6.58
C VAL C 184 -26.06 4.98 -8.09
N LYS C 185 -25.36 5.78 -8.88
CA LYS C 185 -25.45 5.81 -10.37
C LYS C 185 -25.21 4.43 -11.00
N ALA C 186 -24.30 3.61 -10.46
CA ALA C 186 -23.98 2.27 -11.02
C ALA C 186 -25.08 1.27 -10.63
N ASN C 187 -25.97 1.70 -9.75
CA ASN C 187 -26.93 0.81 -9.07
C ASN C 187 -26.16 -0.36 -8.43
N ALA C 188 -25.08 -0.07 -7.73
CA ALA C 188 -24.30 -1.10 -7.02
C ALA C 188 -23.92 -0.57 -5.62
N THR C 189 -24.91 -0.14 -4.83
CA THR C 189 -24.66 0.41 -3.47
C THR C 189 -24.21 -0.71 -2.52
N TYR C 190 -24.26 -1.97 -2.95
CA TYR C 190 -23.72 -3.14 -2.20
C TYR C 190 -22.19 -3.21 -2.31
N ALA C 191 -21.62 -2.56 -3.32
CA ALA C 191 -20.18 -2.51 -3.64
C ALA C 191 -19.46 -1.50 -2.73
N ASP C 192 -18.15 -1.40 -2.88
CA ASP C 192 -17.27 -0.88 -1.82
C ASP C 192 -16.33 0.18 -2.38
N GLY C 193 -15.78 -0.08 -3.57
CA GLY C 193 -14.95 0.89 -4.31
C GLY C 193 -15.27 0.85 -5.79
N TYR C 194 -14.48 1.52 -6.61
CA TYR C 194 -14.77 1.60 -8.05
C TYR C 194 -13.60 2.22 -8.79
N ILE C 195 -13.66 2.11 -10.12
CA ILE C 195 -13.02 3.00 -11.11
C ILE C 195 -14.17 3.73 -11.79
N ALA C 196 -14.20 5.06 -11.71
CA ALA C 196 -15.22 5.88 -12.42
C ALA C 196 -14.57 6.90 -13.36
N ILE C 197 -15.35 7.29 -14.34
CA ILE C 197 -15.01 8.39 -15.28
C ILE C 197 -16.08 9.47 -15.13
N LYS C 198 -15.65 10.71 -14.95
CA LYS C 198 -16.55 11.89 -14.83
C LYS C 198 -17.44 12.04 -16.09
N ALA C 199 -18.74 12.23 -15.81
CA ALA C 199 -19.80 12.47 -16.82
C ALA C 199 -19.41 13.68 -17.67
N TYR D 27 -12.34 -39.34 12.67
CA TYR D 27 -11.85 -37.95 12.51
C TYR D 27 -12.01 -37.53 11.05
N ARG D 28 -12.21 -36.25 10.78
CA ARG D 28 -12.20 -35.70 9.40
C ARG D 28 -10.90 -34.95 9.16
N LEU D 29 -10.14 -35.41 8.18
CA LEU D 29 -8.84 -34.83 7.85
C LEU D 29 -9.00 -33.32 7.57
N GLY D 30 -8.14 -32.48 8.17
CA GLY D 30 -8.20 -31.02 7.95
C GLY D 30 -9.08 -30.32 8.99
N ASP D 31 -9.98 -31.03 9.66
CA ASP D 31 -10.91 -30.42 10.67
C ASP D 31 -10.39 -30.63 12.09
N VAL D 32 -9.49 -29.75 12.55
CA VAL D 32 -8.69 -30.03 13.79
C VAL D 32 -9.45 -29.48 15.01
N ASP D 33 -10.52 -28.70 14.84
CA ASP D 33 -11.36 -28.12 15.94
C ASP D 33 -12.72 -28.83 15.93
N PHE D 34 -12.83 -29.97 15.24
CA PHE D 34 -13.98 -30.93 15.18
C PHE D 34 -15.34 -30.21 15.09
N ASN D 35 -15.46 -29.17 14.27
CA ASN D 35 -16.72 -28.40 14.12
C ASN D 35 -17.36 -28.71 12.75
N GLY D 36 -16.89 -29.73 12.02
CA GLY D 36 -17.51 -30.25 10.79
C GLY D 36 -17.19 -29.41 9.57
N ILE D 37 -16.25 -28.49 9.70
CA ILE D 37 -15.94 -27.42 8.71
C ILE D 37 -14.42 -27.46 8.50
N ILE D 38 -13.98 -27.40 7.25
CA ILE D 38 -12.53 -27.15 6.98
C ILE D 38 -12.40 -25.71 6.52
N ASP D 39 -11.74 -24.88 7.29
CA ASP D 39 -11.65 -23.46 6.90
C ASP D 39 -10.32 -22.91 7.37
N GLY D 40 -10.14 -21.60 7.24
CA GLY D 40 -8.88 -20.92 7.62
C GLY D 40 -8.59 -21.02 9.11
N ARG D 41 -9.60 -21.25 9.94
CA ARG D 41 -9.41 -21.38 11.38
C ARG D 41 -8.67 -22.71 11.58
N ASP D 42 -9.00 -23.74 10.78
CA ASP D 42 -8.22 -25.00 10.86
C ASP D 42 -6.77 -24.75 10.47
N ALA D 43 -6.57 -23.98 9.40
CA ALA D 43 -5.21 -23.64 8.95
C ALA D 43 -4.43 -22.89 10.05
N THR D 44 -5.05 -21.88 10.66
CA THR D 44 -4.41 -21.01 11.67
C THR D 44 -4.07 -21.94 12.85
N ALA D 45 -5.00 -22.80 13.20
CA ALA D 45 -4.84 -23.70 14.37
C ALA D 45 -3.62 -24.62 14.18
N VAL D 46 -3.47 -25.21 13.00
CA VAL D 46 -2.36 -26.17 12.68
C VAL D 46 -1.05 -25.37 12.73
N LEU D 47 -1.02 -24.18 12.13
CA LEU D 47 0.18 -23.32 12.19
C LEU D 47 0.57 -23.05 13.64
N THR D 48 -0.42 -22.71 14.47
CA THR D 48 -0.20 -22.33 15.86
C THR D 48 0.37 -23.52 16.63
N GLU D 49 -0.19 -24.70 16.42
CA GLU D 49 0.33 -25.95 17.03
C GLU D 49 1.79 -26.12 16.64
N TYR D 50 2.10 -26.04 15.36
CA TYR D 50 3.48 -26.15 14.85
C TYR D 50 4.36 -25.09 15.54
N ALA D 51 3.91 -23.83 15.66
CA ALA D 51 4.81 -22.78 16.22
C ALA D 51 5.03 -23.07 17.72
N ARG D 52 4.05 -23.67 18.37
CA ARG D 52 4.20 -24.15 19.78
C ARG D 52 5.16 -25.36 19.87
N ILE D 53 4.91 -26.43 19.14
CA ILE D 53 5.82 -27.62 19.09
C ILE D 53 7.28 -27.18 18.92
N SER D 54 7.48 -26.29 17.95
CA SER D 54 8.76 -25.68 17.52
C SER D 54 9.50 -25.00 18.65
N THR D 55 8.79 -24.50 19.65
CA THR D 55 9.35 -23.58 20.67
C THR D 55 9.23 -24.26 22.03
N GLY D 56 9.07 -25.60 22.05
CA GLY D 56 9.14 -26.43 23.27
C GLY D 56 7.88 -26.38 24.12
N LYS D 57 6.80 -25.75 23.63
CA LYS D 57 5.49 -25.81 24.33
C LYS D 57 4.90 -27.20 24.07
N PRO D 58 4.17 -27.79 25.05
CA PRO D 58 3.58 -29.11 24.86
C PRO D 58 2.58 -29.05 23.69
N ALA D 59 2.54 -30.12 22.91
CA ALA D 59 1.49 -30.31 21.88
C ALA D 59 0.11 -30.22 22.53
N GLU D 60 -0.82 -29.44 21.99
CA GLU D 60 -2.25 -29.50 22.39
C GLU D 60 -2.99 -30.51 21.50
N PHE D 61 -2.53 -30.75 20.26
CA PHE D 61 -3.16 -31.78 19.40
C PHE D 61 -2.67 -33.18 19.78
N VAL D 62 -3.59 -33.98 20.29
CA VAL D 62 -3.30 -35.35 20.76
C VAL D 62 -4.32 -36.32 20.13
N GLY D 63 -3.96 -37.58 19.91
CA GLY D 63 -4.91 -38.58 19.39
C GLY D 63 -5.47 -38.19 18.02
N ASN D 64 -6.78 -38.28 17.87
CA ASN D 64 -7.41 -38.05 16.56
C ASN D 64 -7.18 -36.61 16.12
N THR D 65 -6.99 -35.66 17.02
CA THR D 65 -6.75 -34.26 16.58
C THR D 65 -5.42 -34.19 15.80
N ALA D 66 -4.40 -34.93 16.25
CA ALA D 66 -3.07 -35.00 15.60
C ALA D 66 -3.23 -35.64 14.21
N LEU D 67 -4.03 -36.70 14.14
CA LEU D 67 -4.29 -37.35 12.83
C LEU D 67 -5.03 -36.39 11.89
N ALA D 68 -6.04 -35.64 12.35
CA ALA D 68 -6.76 -34.64 11.50
C ALA D 68 -5.83 -33.55 10.96
N ALA D 69 -4.75 -33.24 11.68
CA ALA D 69 -3.82 -32.14 11.37
C ALA D 69 -2.85 -32.53 10.23
N ASP D 70 -2.49 -33.80 10.12
CA ASP D 70 -1.40 -34.27 9.24
C ASP D 70 -2.04 -34.57 7.87
N VAL D 71 -2.44 -33.50 7.16
CA VAL D 71 -3.30 -33.64 5.94
C VAL D 71 -2.47 -34.26 4.81
N ASN D 72 -1.14 -34.12 4.81
CA ASN D 72 -0.32 -34.75 3.74
C ASN D 72 0.28 -36.10 4.20
N LYS D 73 -0.07 -36.64 5.38
CA LYS D 73 0.29 -38.00 5.86
C LYS D 73 1.80 -38.22 5.77
N ASP D 74 2.59 -37.23 6.18
CA ASP D 74 4.06 -37.36 6.29
C ASP D 74 4.52 -37.61 7.74
N ASN D 75 3.58 -37.85 8.66
CA ASN D 75 3.81 -38.14 10.10
C ASN D 75 4.43 -36.92 10.80
N MET D 76 4.31 -35.70 10.23
CA MET D 76 4.68 -34.47 10.97
C MET D 76 3.50 -33.49 10.89
N ILE D 77 3.33 -32.65 11.91
CA ILE D 77 2.39 -31.50 11.90
C ILE D 77 3.20 -30.22 11.71
N ASP D 78 3.04 -29.53 10.59
CA ASP D 78 3.92 -28.37 10.33
C ASP D 78 3.19 -27.40 9.38
N ALA D 79 3.89 -26.35 8.97
CA ALA D 79 3.32 -25.28 8.10
C ALA D 79 2.88 -25.84 6.74
N ALA D 80 3.45 -26.96 6.26
CA ALA D 80 3.00 -27.58 5.00
C ALA D 80 1.56 -28.06 5.17
N ASP D 81 1.20 -28.56 6.33
CA ASP D 81 -0.20 -29.02 6.57
C ASP D 81 -1.10 -27.78 6.63
N ALA D 82 -0.69 -26.75 7.36
CA ALA D 82 -1.45 -25.49 7.51
C ALA D 82 -1.66 -24.88 6.11
N THR D 83 -0.63 -24.87 5.28
CA THR D 83 -0.68 -24.33 3.88
C THR D 83 -1.75 -25.05 3.08
N HIS D 84 -1.73 -26.36 3.09
CA HIS D 84 -2.73 -27.21 2.38
C HIS D 84 -4.15 -26.93 2.86
N ILE D 85 -4.37 -26.83 4.16
CA ILE D 85 -5.72 -26.54 4.66
C ILE D 85 -6.16 -25.18 4.14
N LEU D 86 -5.29 -24.17 4.15
CA LEU D 86 -5.74 -22.83 3.70
C LEU D 86 -6.03 -22.91 2.18
N THR D 87 -5.25 -23.67 1.43
CA THR D 87 -5.44 -23.74 -0.03
C THR D 87 -6.77 -24.43 -0.26
N TYR D 88 -7.06 -25.46 0.51
CA TYR D 88 -8.33 -26.20 0.31
C TYR D 88 -9.51 -25.26 0.62
N TYR D 89 -9.39 -24.51 1.71
CA TYR D 89 -10.36 -23.44 2.10
C TYR D 89 -10.61 -22.52 0.90
N ALA D 90 -9.54 -21.99 0.31
CA ALA D 90 -9.65 -21.06 -0.84
C ALA D 90 -10.27 -21.75 -2.07
N ILE D 91 -9.87 -22.98 -2.39
CA ILE D 91 -10.45 -23.74 -3.54
C ILE D 91 -11.94 -23.95 -3.27
N SER D 92 -12.31 -24.30 -2.06
CA SER D 92 -13.71 -24.61 -1.70
C SER D 92 -14.55 -23.31 -1.83
N SER D 93 -13.92 -22.17 -1.61
CA SER D 93 -14.57 -20.83 -1.56
C SER D 93 -14.68 -20.27 -2.97
N THR D 94 -14.18 -20.98 -3.97
CA THR D 94 -14.13 -20.48 -5.38
C THR D 94 -14.66 -21.55 -6.29
N ARG D 95 -13.78 -22.39 -6.85
CA ARG D 95 -14.21 -23.31 -7.94
C ARG D 95 -14.96 -24.49 -7.29
N ASP D 96 -14.57 -24.88 -6.06
CA ASP D 96 -15.31 -25.83 -5.21
C ASP D 96 -15.60 -27.10 -6.00
N ASP D 97 -14.58 -27.64 -6.66
CA ASP D 97 -14.70 -28.74 -7.64
C ASP D 97 -13.93 -29.97 -7.18
N ILE D 98 -13.59 -30.06 -5.89
CA ILE D 98 -12.88 -31.28 -5.41
C ILE D 98 -13.24 -31.50 -3.95
N THR D 99 -13.37 -32.75 -3.53
CA THR D 99 -13.61 -32.96 -2.09
C THR D 99 -12.34 -32.67 -1.30
N SER D 100 -12.48 -32.39 -0.01
CA SER D 100 -11.32 -32.17 0.89
C SER D 100 -10.44 -33.44 0.94
N ASP D 101 -11.03 -34.63 1.07
CA ASP D 101 -10.30 -35.93 1.10
C ASP D 101 -9.53 -36.09 -0.22
N ASP D 102 -10.16 -35.72 -1.36
CA ASP D 102 -9.50 -35.89 -2.70
C ASP D 102 -8.37 -34.86 -2.85
N TYR D 103 -8.61 -33.64 -2.38
CA TYR D 103 -7.59 -32.57 -2.36
C TYR D 103 -6.39 -33.05 -1.54
N PHE D 104 -6.58 -33.47 -0.28
CA PHE D 104 -5.43 -33.80 0.59
C PHE D 104 -4.75 -35.02 -0.01
N ALA D 105 -5.49 -35.96 -0.62
CA ALA D 105 -4.89 -37.21 -1.21
C ALA D 105 -3.91 -36.87 -2.36
N LEU D 106 -4.03 -35.71 -2.99
CA LEU D 106 -3.13 -35.28 -4.09
C LEU D 106 -1.71 -35.12 -3.55
N HIS D 107 -1.59 -34.87 -2.26
CA HIS D 107 -0.31 -34.42 -1.65
C HIS D 107 0.16 -35.48 -0.64
N GLN D 108 -0.49 -36.63 -0.62
CA GLN D 108 -0.07 -37.77 0.25
C GLN D 108 0.79 -38.76 -0.54
N PRO D 109 1.69 -39.46 0.18
CA PRO D 109 2.62 -40.39 -0.44
C PRO D 109 1.83 -41.56 -1.04
N LEU D 110 2.24 -42.07 -2.18
CA LEU D 110 1.43 -43.08 -2.90
C LEU D 110 1.14 -44.30 -1.98
CA CA E . 14.03 13.94 9.66
C1 GOL F . -6.07 10.62 -11.97
O1 GOL F . -5.13 9.73 -12.55
C2 GOL F . -5.86 12.03 -12.47
O2 GOL F . -7.13 12.58 -12.82
C3 GOL F . -4.93 12.10 -13.66
O3 GOL F . -4.74 13.43 -14.11
S SO4 G . 7.38 11.52 18.12
O1 SO4 G . 8.28 10.86 17.20
O2 SO4 G . 7.00 10.56 19.13
O3 SO4 G . 6.19 11.99 17.42
O4 SO4 G . 8.05 12.67 18.70
S SO4 H . 12.62 -1.79 25.51
O1 SO4 H . 12.62 -0.87 26.62
O2 SO4 H . 12.68 -3.13 26.04
O3 SO4 H . 13.76 -1.51 24.65
O4 SO4 H . 11.41 -1.63 24.73
S SO4 I . 9.57 30.89 -7.74
O1 SO4 I . 10.73 30.49 -7.03
O2 SO4 I . 8.41 30.65 -6.95
O3 SO4 I . 9.67 32.29 -8.03
O4 SO4 I . 9.47 30.16 -8.96
S SO4 J . -6.59 26.82 0.64
O1 SO4 J . -6.56 25.74 1.60
O2 SO4 J . -5.24 27.18 0.27
O3 SO4 J . -7.31 26.37 -0.54
O4 SO4 J . -7.24 27.97 1.22
S SO4 K . 7.53 -4.65 -7.67
O1 SO4 K . 7.07 -4.56 -6.31
O2 SO4 K . 8.94 -4.93 -7.68
O3 SO4 K . 6.83 -5.72 -8.34
O4 SO4 K . 7.27 -3.41 -8.37
S SO4 L . 11.43 3.18 -12.23
O1 SO4 L . 10.32 2.38 -11.78
O2 SO4 L . 12.65 2.71 -11.61
O3 SO4 L . 11.19 4.55 -11.88
O4 SO4 L . 11.55 3.06 -13.66
CA CA M . 12.03 26.22 -13.10
CA CA N . 8.87 16.61 -26.50
S SO4 O . 16.69 9.17 -33.36
O1 SO4 O . 15.86 9.11 -32.15
O2 SO4 O . 18.07 9.40 -33.02
O3 SO4 O . 16.22 10.27 -34.20
O4 SO4 O . 16.58 7.93 -34.09
S SO4 P . 11.65 9.75 -25.13
O1 SO4 P . 11.94 9.15 -23.85
O2 SO4 P . 12.50 9.18 -26.15
O3 SO4 P . 11.88 11.17 -25.07
O4 SO4 P . 10.25 9.49 -25.44
CA CA Q . -19.92 -5.20 -0.60
C1 GOL R . 4.63 -9.00 -10.70
O1 GOL R . 4.31 -9.80 -11.84
C2 GOL R . 4.35 -9.76 -9.43
O2 GOL R . 4.10 -11.12 -9.74
C3 GOL R . 5.48 -9.72 -8.43
O3 GOL R . 5.04 -10.24 -7.19
S SO4 S . -19.65 5.53 1.22
O1 SO4 S . -21.01 5.34 1.71
O2 SO4 S . -18.74 5.56 2.34
O3 SO4 S . -19.31 4.46 0.32
O4 SO4 S . -19.55 6.80 0.50
S SO4 T . 0.34 -18.16 -5.32
O1 SO4 T . -0.53 -18.29 -4.17
O2 SO4 T . 0.78 -19.47 -5.75
O3 SO4 T . -0.39 -17.54 -6.39
O4 SO4 T . 1.49 -17.35 -4.99
S SO4 U . -17.15 -22.90 16.22
O1 SO4 U . -18.09 -23.80 16.80
O2 SO4 U . -16.06 -23.65 15.67
O3 SO4 U . -16.65 -22.01 17.22
O4 SO4 U . -17.78 -22.15 15.20
S SO4 V . -21.98 2.45 -16.71
O1 SO4 V . -22.62 2.81 -15.47
O2 SO4 V . -20.64 2.04 -16.45
O3 SO4 V . -21.97 3.60 -17.58
O4 SO4 V . -22.73 1.38 -17.34
CA CA W . -12.79 -27.04 11.55
CA CA X . 2.15 -33.29 7.68
S SO4 Y . 5.64 -40.27 -2.85
O1 SO4 Y . 5.73 -41.06 -1.64
O2 SO4 Y . 6.83 -40.53 -3.65
O3 SO4 Y . 4.47 -40.68 -3.59
O4 SO4 Y . 5.56 -38.87 -2.51
#